data_6B9C
#
_entry.id   6B9C
#
_cell.length_a   55.438
_cell.length_b   55.438
_cell.length_c   165.746
_cell.angle_alpha   90.00
_cell.angle_beta   90.00
_cell.angle_gamma   90.00
#
_symmetry.space_group_name_H-M   'P 41 2 2'
#
loop_
_entity.id
_entity.type
_entity.pdbx_description
1 polymer 'Green fluorescent protein'
2 non-polymer 'CARBON DIOXIDE'
3 water water
#
_entity_poly.entity_id   1
_entity_poly.type   'polypeptide(L)'
_entity_poly.pdbx_seq_one_letter_code
;MVSKGEELFTGVVPILVELDGDVNGHKFSVRGEGEGDATNGKLTLKFICTTGKLPVPWPTLVTTL(GMO)VQCFSRYPDH
MKRHDFFKSAMPEGYVQERTISFKDDGTYKTRAEVKFEGDTLVNRIELKGIDFKEDGNILGHKLEYNFNSHNVYITADKQ
KNGIKANFKIRHNVEDGSVQLADHYQQNTPIGDGPVLLPDNHYLSTQSVLSKDPNEKRDHMVLLEFVTAAGITHGMDELY
K
;
_entity_poly.pdbx_strand_id   A
#
loop_
_chem_comp.id
_chem_comp.type
_chem_comp.name
_chem_comp.formula
CO2 non-polymer 'CARBON DIOXIDE' 'C O2'
#
# COMPACT_ATOMS: atom_id res chain seq x y z
N GLY A 5 6.88 -13.68 -11.04
CA GLY A 5 7.93 -14.06 -10.10
C GLY A 5 9.03 -13.02 -9.94
N GLU A 6 10.13 -13.43 -9.30
N GLU A 6 10.13 -13.45 -9.33
CA GLU A 6 11.18 -12.47 -8.97
CA GLU A 6 11.21 -12.54 -8.96
C GLU A 6 11.81 -11.84 -10.20
C GLU A 6 11.83 -11.88 -10.18
N GLU A 7 11.81 -12.55 -11.34
CA GLU A 7 12.51 -12.04 -12.52
C GLU A 7 11.92 -10.72 -13.01
N LEU A 8 10.62 -10.49 -12.81
CA LEU A 8 10.03 -9.22 -13.26
C LEU A 8 10.47 -8.05 -12.41
N PHE A 9 11.06 -8.29 -11.24
CA PHE A 9 11.37 -7.21 -10.31
C PHE A 9 12.85 -7.01 -10.07
N THR A 10 13.73 -7.61 -10.90
CA THR A 10 15.16 -7.55 -10.63
C THR A 10 15.76 -6.17 -10.89
N GLY A 11 15.11 -5.32 -11.68
CA GLY A 11 15.63 -3.97 -11.91
C GLY A 11 14.72 -2.88 -11.38
N VAL A 12 14.78 -1.68 -11.99
CA VAL A 12 13.87 -0.59 -11.65
C VAL A 12 12.66 -0.69 -12.55
N VAL A 13 11.48 -0.64 -11.96
CA VAL A 13 10.21 -0.93 -12.66
C VAL A 13 9.35 0.32 -12.62
N PRO A 14 8.87 0.82 -13.76
CA PRO A 14 7.94 1.96 -13.75
C PRO A 14 6.61 1.60 -13.13
N ILE A 15 6.01 2.56 -12.43
CA ILE A 15 4.74 2.34 -11.74
C ILE A 15 3.72 3.39 -12.17
N LEU A 16 2.47 2.96 -12.35
N LEU A 16 2.46 2.96 -12.27
CA LEU A 16 1.34 3.87 -12.53
CA LEU A 16 1.32 3.84 -12.55
C LEU A 16 0.28 3.54 -11.48
C LEU A 16 0.23 3.53 -11.53
N VAL A 17 -0.30 4.57 -10.86
CA VAL A 17 -1.38 4.40 -9.90
C VAL A 17 -2.57 5.25 -10.34
N GLU A 18 -3.76 4.66 -10.32
CA GLU A 18 -4.98 5.36 -10.68
C GLU A 18 -6.04 5.07 -9.61
N LEU A 19 -6.56 6.12 -9.00
N LEU A 19 -6.62 6.13 -9.04
CA LEU A 19 -7.57 5.98 -7.97
CA LEU A 19 -7.55 5.99 -7.93
C LEU A 19 -8.80 6.79 -8.33
C LEU A 19 -8.80 6.83 -8.18
N ASP A 20 -9.96 6.17 -8.16
CA ASP A 20 -11.26 6.80 -8.28
C ASP A 20 -11.94 6.73 -6.93
N GLY A 21 -12.24 7.88 -6.34
CA GLY A 21 -12.75 7.85 -4.99
C GLY A 21 -14.06 8.58 -4.78
N ASP A 22 -14.75 8.21 -3.71
CA ASP A 22 -16.01 8.85 -3.30
C ASP A 22 -16.05 8.73 -1.80
N VAL A 23 -15.92 9.85 -1.09
CA VAL A 23 -15.95 9.87 0.38
C VAL A 23 -17.10 10.79 0.79
N ASN A 24 -18.12 10.20 1.43
CA ASN A 24 -19.32 10.93 1.85
C ASN A 24 -19.97 11.65 0.67
N GLY A 25 -19.82 11.08 -0.53
CA GLY A 25 -20.35 11.68 -1.73
C GLY A 25 -19.42 12.60 -2.47
N HIS A 26 -18.30 13.01 -1.86
CA HIS A 26 -17.34 13.87 -2.55
C HIS A 26 -16.49 13.02 -3.49
N LYS A 27 -16.58 13.31 -4.80
CA LYS A 27 -15.89 12.52 -5.81
C LYS A 27 -14.54 13.13 -6.17
N PHE A 28 -13.53 12.26 -6.32
CA PHE A 28 -12.20 12.76 -6.63
C PHE A 28 -11.40 11.67 -7.34
N SER A 29 -10.38 12.07 -8.07
CA SER A 29 -9.48 11.15 -8.76
C SER A 29 -8.04 11.48 -8.41
N VAL A 30 -7.20 10.45 -8.28
CA VAL A 30 -5.77 10.62 -8.05
C VAL A 30 -5.01 9.80 -9.08
N ARG A 31 -3.94 10.36 -9.63
CA ARG A 31 -3.01 9.63 -10.46
C ARG A 31 -1.60 9.77 -9.92
N GLY A 32 -0.85 8.68 -9.97
CA GLY A 32 0.54 8.71 -9.57
C GLY A 32 1.42 8.01 -10.57
N GLU A 33 2.69 8.44 -10.59
CA GLU A 33 3.70 7.80 -11.43
C GLU A 33 5.02 7.82 -10.70
N GLY A 34 5.84 6.81 -10.99
CA GLY A 34 7.13 6.69 -10.32
C GLY A 34 7.80 5.38 -10.68
N GLU A 35 8.60 4.88 -9.75
CA GLU A 35 9.30 3.64 -10.02
C GLU A 35 9.59 2.90 -8.73
N GLY A 36 9.74 1.59 -8.87
CA GLY A 36 10.03 0.72 -7.74
C GLY A 36 11.28 -0.11 -7.97
N ASP A 37 12.01 -0.33 -6.89
CA ASP A 37 13.28 -1.07 -6.88
C ASP A 37 13.14 -2.16 -5.80
N ALA A 38 12.55 -3.30 -6.18
CA ALA A 38 12.22 -4.33 -5.20
C ALA A 38 13.47 -4.94 -4.58
N THR A 39 14.59 -4.92 -5.32
N THR A 39 14.60 -4.92 -5.31
CA THR A 39 15.82 -5.48 -4.79
CA THR A 39 15.82 -5.52 -4.76
C THR A 39 16.24 -4.76 -3.52
C THR A 39 16.31 -4.75 -3.53
N ASN A 40 16.01 -3.46 -3.46
CA ASN A 40 16.33 -2.64 -2.29
C ASN A 40 15.11 -2.28 -1.48
N GLY A 41 13.91 -2.67 -1.92
CA GLY A 41 12.70 -2.41 -1.19
C GLY A 41 12.26 -0.97 -1.25
N LYS A 42 12.54 -0.26 -2.34
CA LYS A 42 12.37 1.19 -2.40
C LYS A 42 11.36 1.58 -3.48
N LEU A 43 10.45 2.49 -3.13
CA LEU A 43 9.45 3.06 -4.02
C LEU A 43 9.57 4.57 -4.01
N THR A 44 9.44 5.20 -5.19
N THR A 44 9.40 5.19 -5.18
CA THR A 44 9.38 6.65 -5.30
CA THR A 44 9.38 6.65 -5.29
C THR A 44 8.25 6.99 -6.25
C THR A 44 8.28 7.05 -6.26
N LEU A 45 7.28 7.77 -5.76
CA LEU A 45 6.11 8.14 -6.55
C LEU A 45 5.72 9.59 -6.29
N LYS A 46 5.10 10.20 -7.31
CA LYS A 46 4.44 11.49 -7.14
C LYS A 46 2.98 11.33 -7.54
N PHE A 47 2.08 11.81 -6.68
CA PHE A 47 0.64 11.70 -6.89
C PHE A 47 0.04 13.08 -7.09
N ILE A 48 -0.94 13.18 -7.99
CA ILE A 48 -1.68 14.42 -8.25
C ILE A 48 -3.17 14.15 -8.06
N CYS A 49 -3.88 15.08 -7.42
CA CYS A 49 -5.35 15.02 -7.44
C CYS A 49 -5.80 15.69 -8.73
N THR A 50 -6.26 14.88 -9.68
CA THR A 50 -6.55 15.41 -11.01
C THR A 50 -7.89 16.12 -11.11
N THR A 51 -8.74 15.99 -10.09
CA THR A 51 -10.05 16.61 -10.09
C THR A 51 -10.05 17.96 -9.38
N GLY A 52 -8.94 18.34 -8.78
CA GLY A 52 -8.89 19.57 -8.03
C GLY A 52 -8.30 19.34 -6.66
N LYS A 53 -8.95 19.87 -5.63
CA LYS A 53 -8.50 19.65 -4.27
C LYS A 53 -9.00 18.31 -3.74
N LEU A 54 -8.15 17.66 -2.95
CA LEU A 54 -8.52 16.38 -2.34
C LEU A 54 -9.44 16.63 -1.15
N PRO A 55 -10.57 15.92 -1.05
CA PRO A 55 -11.48 16.12 0.09
C PRO A 55 -11.05 15.41 1.36
N VAL A 56 -9.96 14.65 1.34
CA VAL A 56 -9.44 14.00 2.55
C VAL A 56 -7.95 14.30 2.64
N PRO A 57 -7.35 14.09 3.81
CA PRO A 57 -5.90 14.31 3.93
C PRO A 57 -5.11 13.27 3.15
N TRP A 58 -4.09 13.74 2.45
CA TRP A 58 -3.22 12.83 1.70
C TRP A 58 -2.75 11.65 2.55
N PRO A 59 -2.34 11.82 3.80
CA PRO A 59 -1.88 10.64 4.55
C PRO A 59 -2.91 9.54 4.62
N THR A 60 -4.21 9.85 4.57
CA THR A 60 -5.20 8.77 4.71
C THR A 60 -5.27 7.89 3.48
N LEU A 61 -4.64 8.29 2.37
CA LEU A 61 -4.65 7.53 1.13
C LEU A 61 -3.35 6.77 0.88
N VAL A 62 -2.34 6.97 1.72
CA VAL A 62 -1.03 6.38 1.46
C VAL A 62 -1.12 4.86 1.33
N THR A 63 -1.79 4.19 2.28
CA THR A 63 -1.81 2.73 2.24
C THR A 63 -2.58 2.21 1.03
N THR A 64 -3.60 2.94 0.58
CA THR A 64 -4.37 2.53 -0.58
C THR A 64 -3.58 2.71 -1.88
N LEU A 65 -2.88 3.84 -2.00
CA LEU A 65 -2.10 4.15 -3.19
C LEU A 65 -0.85 3.31 -3.29
N1 GMO A 66 -0.20 3.09 -2.14
CA1 GMO A 66 0.97 2.24 -2.08
C3 GMO A 66 0.37 -0.93 -3.55
O3 GMO A 66 -0.63 -1.74 -4.11
CB1 GMO A 66 2.26 3.06 -1.85
CB2 GMO A 66 0.75 -0.35 2.08
CG1 GMO A 66 2.45 4.07 -2.97
OG1 GMO A 66 2.21 3.73 -0.62
CG2 GMO A 66 1.44 0.40 3.22
CD1 GMO A 66 2.06 1.63 3.04
CD2 GMO A 66 1.43 -0.17 4.49
CE1 GMO A 66 2.67 2.26 4.12
CE2 GMO A 66 2.03 0.46 5.58
CZ GMO A 66 2.65 1.67 5.38
C1 GMO A 66 0.73 1.20 -1.00
C2 GMO A 66 -0.05 -0.60 -0.16
CA2 GMO A 66 0.62 0.08 0.83
CA3 GMO A 66 -0.55 -0.22 -2.55
N2 GMO A 66 1.10 1.20 0.29
N3 GMO A 66 0.03 0.09 -1.26
NO GMO A 66 3.30 2.33 6.51
O2 GMO A 66 -0.62 -1.64 -0.05
O40 GMO A 66 3.18 1.92 7.61
ON1 GMO A 66 4.10 3.45 6.23
CG1 CQ2 A 66 2.45 4.09 -2.99
CB1 CQ2 A 66 2.27 3.06 -1.86
OG1 CQ2 A 66 2.23 3.76 -0.65
CA1 CQ2 A 66 0.98 2.25 -2.09
N1 CQ2 A 66 -0.20 3.09 -2.14
C1 CQ2 A 66 0.76 1.21 -1.00
N2 CQ2 A 66 1.15 1.21 0.29
N3 CQ2 A 66 0.06 0.10 -1.25
CA3 CQ2 A 66 -0.56 -0.24 -2.51
C3 CQ2 A 66 0.37 -0.95 -3.52
O3 CQ2 A 66 -0.64 -1.79 -4.06
C2 CQ2 A 66 -0.01 -0.58 -0.13
O2 CQ2 A 66 -0.58 -1.63 -0.02
CA2 CQ2 A 66 0.68 0.09 0.83
CB2 CQ2 A 66 0.83 -0.33 2.09
CG2 CQ2 A 66 1.47 0.44 3.26
CD2 CQ2 A 66 1.42 -0.15 4.52
CE2 CQ2 A 66 1.97 0.48 5.63
CZ CQ2 A 66 2.57 1.72 5.48
NH CQ2 A 66 3.16 2.35 6.65
CE1 CQ2 A 66 2.62 2.32 4.22
CD1 CQ2 A 66 2.06 1.68 3.11
H23 CQ2 A 66 3.02 2.03 7.43
H24 CQ2 A 66 3.64 3.07 6.55
N VAL A 67 1.60 -1.39 -3.55
CA VAL A 67 2.12 -2.22 -4.57
C VAL A 67 3.16 -2.94 -3.79
N GLN A 68 2.66 -3.75 -2.85
CA GLN A 68 3.51 -4.49 -1.92
C GLN A 68 4.36 -5.53 -2.61
N CYS A 69 4.19 -5.69 -3.92
CA CYS A 69 5.13 -6.48 -4.69
C CYS A 69 6.53 -5.87 -4.74
N PHE A 70 6.69 -4.60 -4.33
CA PHE A 70 8.03 -4.01 -4.32
C PHE A 70 8.74 -4.20 -2.99
N SER A 71 8.19 -5.02 -2.09
CA SER A 71 8.88 -5.35 -0.84
C SER A 71 10.18 -6.08 -1.12
N ARG A 72 11.19 -5.82 -0.31
N ARG A 72 11.20 -5.81 -0.31
CA ARG A 72 12.42 -6.59 -0.32
CA ARG A 72 12.43 -6.61 -0.34
C ARG A 72 12.24 -7.80 0.60
C ARG A 72 12.24 -7.79 0.58
N TYR A 73 12.11 -9.00 0.00
CA TYR A 73 12.12 -10.20 0.82
C TYR A 73 13.57 -10.68 0.96
N PRO A 74 14.06 -10.89 2.18
CA PRO A 74 15.41 -11.47 2.34
C PRO A 74 15.51 -12.80 1.63
N ASP A 75 16.74 -13.16 1.22
CA ASP A 75 16.93 -14.38 0.45
C ASP A 75 16.26 -15.59 1.10
N HIS A 76 16.38 -15.72 2.42
CA HIS A 76 15.82 -16.90 3.07
C HIS A 76 14.30 -16.87 3.16
N MET A 77 13.65 -15.76 2.78
CA MET A 77 12.20 -15.66 2.87
C MET A 77 11.53 -15.56 1.50
N LYS A 78 12.27 -15.67 0.41
CA LYS A 78 11.68 -15.36 -0.89
C LYS A 78 10.55 -16.31 -1.27
N ARG A 79 10.53 -17.52 -0.71
CA ARG A 79 9.40 -18.41 -1.03
C ARG A 79 8.12 -18.02 -0.33
N HIS A 80 8.13 -16.95 0.46
CA HIS A 80 6.94 -16.49 1.15
C HIS A 80 6.37 -15.22 0.52
N ASP A 81 6.84 -14.86 -0.68
CA ASP A 81 6.46 -13.61 -1.36
C ASP A 81 5.28 -13.91 -2.29
N PHE A 82 4.07 -13.85 -1.73
CA PHE A 82 2.88 -14.07 -2.54
C PHE A 82 2.76 -13.04 -3.65
N PHE A 83 3.07 -11.78 -3.34
CA PHE A 83 2.79 -10.68 -4.26
C PHE A 83 3.49 -10.87 -5.59
N LYS A 84 4.80 -11.15 -5.57
CA LYS A 84 5.52 -11.35 -6.82
C LYS A 84 5.12 -12.66 -7.48
N SER A 85 4.75 -13.68 -6.68
CA SER A 85 4.38 -14.97 -7.26
C SER A 85 3.15 -14.87 -8.14
N ALA A 86 2.29 -13.87 -7.90
CA ALA A 86 1.06 -13.67 -8.66
C ALA A 86 1.26 -12.82 -9.92
N MET A 87 2.48 -12.38 -10.20
CA MET A 87 2.76 -11.51 -11.34
C MET A 87 3.23 -12.34 -12.53
N PRO A 88 2.96 -11.88 -13.76
CA PRO A 88 2.38 -10.57 -14.11
C PRO A 88 0.84 -10.46 -14.12
N GLU A 89 0.15 -11.60 -14.07
N GLU A 89 0.13 -11.59 -14.08
CA GLU A 89 -1.30 -11.60 -14.17
CA GLU A 89 -1.32 -11.54 -14.20
C GLU A 89 -1.94 -10.75 -13.07
C GLU A 89 -1.93 -10.71 -13.07
N GLY A 90 -1.36 -10.80 -11.87
CA GLY A 90 -1.67 -9.85 -10.81
C GLY A 90 -2.56 -10.40 -9.72
N TYR A 91 -2.99 -9.49 -8.84
CA TYR A 91 -3.88 -9.85 -7.75
C TYR A 91 -4.89 -8.72 -7.53
N VAL A 92 -5.98 -9.08 -6.87
CA VAL A 92 -6.95 -8.12 -6.37
C VAL A 92 -6.63 -7.85 -4.90
N GLN A 93 -6.54 -6.58 -4.53
CA GLN A 93 -6.31 -6.19 -3.14
C GLN A 93 -7.55 -5.46 -2.63
N GLU A 94 -8.18 -5.98 -1.59
CA GLU A 94 -9.36 -5.36 -1.00
C GLU A 94 -9.10 -5.00 0.45
N ARG A 95 -9.55 -3.82 0.87
CA ARG A 95 -9.40 -3.44 2.27
C ARG A 95 -10.67 -2.83 2.81
N THR A 96 -10.84 -2.98 4.12
CA THR A 96 -11.69 -2.11 4.92
C THR A 96 -10.77 -1.36 5.86
N ILE A 97 -10.87 -0.04 5.87
CA ILE A 97 -10.06 0.81 6.73
C ILE A 97 -11.01 1.54 7.66
N SER A 98 -10.95 1.22 8.95
N SER A 98 -10.97 1.19 8.95
CA SER A 98 -11.88 1.75 9.93
CA SER A 98 -11.88 1.75 9.95
C SER A 98 -11.18 2.82 10.74
C SER A 98 -11.15 2.84 10.72
N PHE A 99 -11.55 4.09 10.51
CA PHE A 99 -10.98 5.21 11.26
C PHE A 99 -11.69 5.30 12.61
N LYS A 100 -10.92 5.21 13.70
CA LYS A 100 -11.53 5.17 15.02
C LYS A 100 -12.36 6.43 15.25
N ASP A 101 -13.61 6.23 15.71
CA ASP A 101 -14.53 7.32 16.02
C ASP A 101 -14.92 8.10 14.78
N ASP A 102 -14.75 7.53 13.59
CA ASP A 102 -15.04 8.26 12.36
C ASP A 102 -15.50 7.24 11.32
N GLY A 103 -15.35 7.59 10.04
CA GLY A 103 -15.89 6.79 8.96
C GLY A 103 -14.99 5.63 8.57
N THR A 104 -15.34 5.01 7.44
CA THR A 104 -14.73 3.78 6.95
C THR A 104 -14.45 3.91 5.46
N TYR A 105 -13.24 3.53 5.03
CA TYR A 105 -12.94 3.34 3.61
C TYR A 105 -13.10 1.86 3.26
N LYS A 106 -13.70 1.60 2.10
CA LYS A 106 -13.65 0.29 1.46
C LYS A 106 -12.97 0.45 0.11
N THR A 107 -11.94 -0.34 -0.15
CA THR A 107 -11.16 -0.21 -1.36
C THR A 107 -11.07 -1.55 -2.09
N ARG A 108 -11.03 -1.47 -3.40
CA ARG A 108 -10.77 -2.61 -4.26
C ARG A 108 -9.79 -2.16 -5.32
N ALA A 109 -8.69 -2.89 -5.46
CA ALA A 109 -7.67 -2.55 -6.44
C ALA A 109 -7.24 -3.80 -7.17
N GLU A 110 -6.85 -3.61 -8.44
CA GLU A 110 -6.17 -4.65 -9.20
C GLU A 110 -4.75 -4.18 -9.47
N VAL A 111 -3.79 -5.05 -9.14
CA VAL A 111 -2.37 -4.76 -9.32
C VAL A 111 -1.84 -5.78 -10.33
N LYS A 112 -1.33 -5.29 -11.46
CA LYS A 112 -0.89 -6.17 -12.52
C LYS A 112 0.08 -5.42 -13.43
N PHE A 113 0.84 -6.17 -14.23
CA PHE A 113 1.71 -5.54 -15.21
C PHE A 113 0.96 -5.22 -16.50
N GLU A 114 1.18 -4.03 -17.03
CA GLU A 114 0.84 -3.67 -18.41
C GLU A 114 2.18 -3.57 -19.14
N GLY A 115 2.62 -4.68 -19.72
CA GLY A 115 3.95 -4.68 -20.30
C GLY A 115 5.00 -4.48 -19.22
N ASP A 116 5.84 -3.46 -19.36
N ASP A 116 5.82 -3.45 -19.37
CA ASP A 116 6.91 -3.25 -18.40
CA ASP A 116 6.92 -3.19 -18.44
C ASP A 116 6.45 -2.45 -17.18
C ASP A 116 6.49 -2.35 -17.24
N THR A 117 5.24 -1.90 -17.19
CA THR A 117 4.76 -1.03 -16.12
C THR A 117 3.88 -1.80 -15.14
N LEU A 118 4.18 -1.67 -13.85
CA LEU A 118 3.29 -2.18 -12.81
C LEU A 118 2.20 -1.15 -12.52
N VAL A 119 0.93 -1.56 -12.62
CA VAL A 119 -0.22 -0.65 -12.56
C VAL A 119 -1.09 -1.03 -11.37
N ASN A 120 -1.41 -0.04 -10.54
CA ASN A 120 -2.32 -0.22 -9.42
C ASN A 120 -3.56 0.62 -9.68
N ARG A 121 -4.69 -0.03 -9.98
N ARG A 121 -4.68 -0.03 -9.98
CA ARG A 121 -5.95 0.67 -10.31
CA ARG A 121 -5.94 0.65 -10.27
C ARG A 121 -6.97 0.43 -9.20
C ARG A 121 -6.91 0.42 -9.12
N ILE A 122 -7.43 1.52 -8.56
CA ILE A 122 -8.16 1.47 -7.30
C ILE A 122 -9.51 2.13 -7.44
N GLU A 123 -10.52 1.55 -6.78
CA GLU A 123 -11.75 2.26 -6.46
C GLU A 123 -11.87 2.34 -4.94
N LEU A 124 -12.24 3.51 -4.44
CA LEU A 124 -12.35 3.76 -3.01
C LEU A 124 -13.71 4.35 -2.70
N LYS A 125 -14.41 3.78 -1.71
CA LYS A 125 -15.69 4.31 -1.23
C LYS A 125 -15.60 4.55 0.27
N GLY A 126 -15.84 5.78 0.69
CA GLY A 126 -15.84 6.13 2.11
C GLY A 126 -17.22 6.59 2.54
N ILE A 127 -17.64 6.16 3.74
CA ILE A 127 -18.95 6.51 4.28
C ILE A 127 -18.85 6.78 5.77
N ASP A 128 -19.85 7.51 6.28
CA ASP A 128 -20.03 7.77 7.71
C ASP A 128 -18.96 8.67 8.30
N PHE A 129 -18.29 9.49 7.50
CA PHE A 129 -17.30 10.38 8.06
C PHE A 129 -17.94 11.60 8.70
N LYS A 130 -17.29 12.10 9.74
CA LYS A 130 -17.77 13.27 10.47
C LYS A 130 -17.30 14.55 9.77
N GLU A 131 -18.22 15.49 9.61
N GLU A 131 -18.22 15.49 9.61
CA GLU A 131 -17.91 16.69 8.85
CA GLU A 131 -17.91 16.69 8.85
C GLU A 131 -16.72 17.44 9.41
C GLU A 131 -16.72 17.44 9.41
N ASP A 132 -16.58 17.47 10.74
CA ASP A 132 -15.45 18.12 11.38
C ASP A 132 -14.65 17.13 12.22
N GLY A 133 -14.61 15.88 11.78
CA GLY A 133 -13.64 14.93 12.30
C GLY A 133 -12.27 15.21 11.73
N ASN A 134 -11.32 14.35 12.10
CA ASN A 134 -9.94 14.57 11.69
C ASN A 134 -9.73 14.41 10.19
N ILE A 135 -10.64 13.71 9.51
CA ILE A 135 -10.46 13.41 8.09
C ILE A 135 -11.10 14.52 7.27
N LEU A 136 -12.43 14.63 7.31
CA LEU A 136 -13.09 15.67 6.52
C LEU A 136 -12.74 17.07 7.00
N GLY A 137 -12.30 17.21 8.25
CA GLY A 137 -11.83 18.46 8.82
C GLY A 137 -10.37 18.77 8.59
N HIS A 138 -9.63 17.87 7.93
CA HIS A 138 -8.23 18.08 7.59
C HIS A 138 -7.40 18.49 8.80
N LYS A 139 -7.38 17.61 9.80
CA LYS A 139 -6.64 17.85 11.03
C LYS A 139 -5.43 16.93 11.17
N LEU A 140 -5.07 16.18 10.13
CA LEU A 140 -3.94 15.26 10.21
C LEU A 140 -2.66 15.93 9.72
N GLU A 141 -1.56 15.69 10.42
CA GLU A 141 -0.29 16.21 9.98
C GLU A 141 0.14 15.54 8.67
N TYR A 142 0.94 16.26 7.89
CA TYR A 142 1.46 15.75 6.61
C TYR A 142 2.77 15.03 6.89
N ASN A 143 2.64 13.80 7.37
CA ASN A 143 3.78 12.94 7.66
C ASN A 143 3.25 11.53 7.85
N PHE A 144 4.16 10.61 8.17
CA PHE A 144 3.76 9.22 8.26
C PHE A 144 4.70 8.51 9.23
N ASN A 145 4.14 7.65 10.04
CA ASN A 145 4.93 6.82 10.93
C ASN A 145 5.28 5.48 10.25
N SER A 146 6.20 4.76 10.87
N SER A 146 6.21 4.76 10.84
CA SER A 146 6.57 3.42 10.41
CA SER A 146 6.55 3.43 10.34
C SER A 146 5.64 2.38 11.05
C SER A 146 5.69 2.38 11.03
N HIS A 147 5.26 1.37 10.27
CA HIS A 147 4.37 0.33 10.76
C HIS A 147 4.74 -1.02 10.18
N ASN A 148 4.23 -2.07 10.84
CA ASN A 148 4.34 -3.44 10.35
C ASN A 148 3.00 -3.90 9.79
N VAL A 149 3.06 -4.60 8.66
CA VAL A 149 1.91 -5.20 8.00
C VAL A 149 1.98 -6.71 8.26
N TYR A 150 1.02 -7.26 9.01
CA TYR A 150 1.07 -8.66 9.42
C TYR A 150 0.29 -9.53 8.43
N ILE A 151 1.00 -10.50 7.82
CA ILE A 151 0.47 -11.29 6.71
C ILE A 151 0.25 -12.74 7.16
N THR A 152 -0.87 -13.32 6.72
N THR A 152 -0.86 -13.32 6.71
CA THR A 152 -1.11 -14.74 6.92
CA THR A 152 -1.18 -14.72 6.93
C THR A 152 -1.78 -15.32 5.67
C THR A 152 -1.77 -15.30 5.65
N ALA A 153 -1.57 -16.60 5.44
CA ALA A 153 -2.17 -17.25 4.28
C ALA A 153 -3.67 -17.41 4.48
N ASP A 154 -4.41 -17.37 3.38
CA ASP A 154 -5.85 -17.66 3.33
C ASP A 154 -6.02 -18.78 2.31
N LYS A 155 -5.85 -20.02 2.77
CA LYS A 155 -5.87 -21.15 1.86
C LYS A 155 -7.20 -21.22 1.09
N GLN A 156 -8.30 -20.86 1.72
CA GLN A 156 -9.61 -21.05 1.10
C GLN A 156 -9.84 -20.06 -0.03
N LYS A 157 -9.37 -18.82 0.12
CA LYS A 157 -9.40 -17.86 -0.97
C LYS A 157 -8.16 -17.94 -1.86
N ASN A 158 -7.23 -18.87 -1.57
CA ASN A 158 -6.02 -19.05 -2.35
C ASN A 158 -5.16 -17.78 -2.41
N GLY A 159 -5.10 -17.06 -1.31
CA GLY A 159 -4.35 -15.80 -1.26
C GLY A 159 -3.87 -15.52 0.13
N ILE A 160 -3.88 -14.25 0.50
CA ILE A 160 -3.42 -13.84 1.83
C ILE A 160 -4.43 -12.87 2.44
N LYS A 161 -4.34 -12.77 3.75
CA LYS A 161 -4.98 -11.73 4.54
C LYS A 161 -3.88 -10.94 5.24
N ALA A 162 -4.18 -9.70 5.59
CA ALA A 162 -3.25 -8.89 6.36
C ALA A 162 -4.04 -8.01 7.31
N ASN A 163 -3.40 -7.66 8.42
N ASN A 163 -3.41 -7.64 8.42
CA ASN A 163 -3.98 -6.73 9.36
CA ASN A 163 -4.01 -6.74 9.38
C ASN A 163 -2.89 -5.81 9.87
C ASN A 163 -2.94 -5.85 9.97
N PHE A 164 -3.25 -4.57 10.11
CA PHE A 164 -2.33 -3.63 10.74
C PHE A 164 -3.12 -2.41 11.16
N LYS A 165 -2.51 -1.60 12.01
CA LYS A 165 -3.12 -0.39 12.54
C LYS A 165 -2.23 0.78 12.22
N ILE A 166 -2.73 1.72 11.42
CA ILE A 166 -1.97 2.92 11.09
C ILE A 166 -2.25 3.98 12.14
N ARG A 167 -1.19 4.69 12.55
CA ARG A 167 -1.30 5.78 13.51
C ARG A 167 -1.01 7.07 12.78
N HIS A 168 -2.06 7.89 12.56
CA HIS A 168 -1.91 9.18 11.89
C HIS A 168 -1.76 10.27 12.95
N ASN A 169 -0.69 11.04 12.88
CA ASN A 169 -0.52 12.15 13.83
C ASN A 169 -1.56 13.23 13.54
N VAL A 170 -2.25 13.67 14.60
CA VAL A 170 -3.23 14.76 14.52
C VAL A 170 -2.54 16.05 14.95
N GLU A 171 -2.96 17.16 14.35
CA GLU A 171 -2.26 18.43 14.56
C GLU A 171 -2.27 18.88 16.02
N ASP A 172 -3.19 18.35 16.84
CA ASP A 172 -3.27 18.71 18.24
C ASP A 172 -2.46 17.78 19.13
N GLY A 173 -1.59 16.95 18.55
CA GLY A 173 -0.78 16.03 19.32
C GLY A 173 -1.42 14.69 19.59
N SER A 174 -2.70 14.51 19.29
CA SER A 174 -3.35 13.22 19.46
C SER A 174 -3.03 12.33 18.25
N VAL A 175 -3.56 11.11 18.28
CA VAL A 175 -3.35 10.14 17.21
C VAL A 175 -4.69 9.64 16.71
N GLN A 176 -4.81 9.54 15.39
CA GLN A 176 -6.00 9.00 14.74
C GLN A 176 -5.67 7.58 14.28
N LEU A 177 -6.32 6.58 14.87
CA LEU A 177 -6.08 5.20 14.48
C LEU A 177 -6.89 4.85 13.24
N ALA A 178 -6.28 4.08 12.34
CA ALA A 178 -6.97 3.57 11.16
C ALA A 178 -6.68 2.07 11.08
N ASP A 179 -7.68 1.28 11.47
CA ASP A 179 -7.58 -0.19 11.48
C ASP A 179 -7.71 -0.73 10.06
N HIS A 180 -6.71 -1.48 9.62
CA HIS A 180 -6.66 -2.02 8.27
C HIS A 180 -6.93 -3.51 8.30
N TYR A 181 -7.90 -3.95 7.51
N TYR A 181 -7.96 -3.94 7.59
CA TYR A 181 -8.16 -5.37 7.25
CA TYR A 181 -8.15 -5.33 7.24
C TYR A 181 -8.06 -5.61 5.75
C TYR A 181 -7.90 -5.47 5.75
N GLN A 182 -7.18 -6.51 5.36
CA GLN A 182 -6.76 -6.65 3.97
C GLN A 182 -6.93 -8.08 3.50
N GLN A 183 -7.33 -8.24 2.23
CA GLN A 183 -7.33 -9.52 1.54
C GLN A 183 -6.76 -9.35 0.15
N ASN A 184 -5.92 -10.29 -0.27
CA ASN A 184 -5.37 -10.32 -1.62
C ASN A 184 -5.71 -11.67 -2.24
N THR A 185 -6.24 -11.65 -3.45
N THR A 185 -6.23 -11.64 -3.47
CA THR A 185 -6.57 -12.88 -4.15
CA THR A 185 -6.61 -12.84 -4.18
C THR A 185 -5.99 -12.81 -5.56
C THR A 185 -5.97 -12.80 -5.57
N PRO A 186 -5.35 -13.88 -6.04
CA PRO A 186 -4.75 -13.82 -7.37
C PRO A 186 -5.79 -13.68 -8.47
N ILE A 187 -5.40 -12.99 -9.53
CA ILE A 187 -6.18 -12.93 -10.76
C ILE A 187 -5.89 -14.19 -11.59
N GLY A 188 -6.94 -14.86 -12.03
CA GLY A 188 -6.73 -16.11 -12.77
C GLY A 188 -6.38 -17.29 -11.88
N ASP A 189 -6.02 -18.39 -12.54
CA ASP A 189 -5.88 -19.68 -11.84
C ASP A 189 -4.45 -20.17 -11.73
N GLY A 190 -3.47 -19.33 -11.98
CA GLY A 190 -2.08 -19.73 -11.91
C GLY A 190 -1.65 -20.08 -10.50
N PRO A 191 -0.63 -20.94 -10.38
CA PRO A 191 -0.10 -21.27 -9.05
C PRO A 191 0.45 -20.03 -8.37
N VAL A 192 0.43 -20.07 -7.03
CA VAL A 192 0.95 -18.98 -6.21
C VAL A 192 1.70 -19.58 -5.04
N LEU A 193 2.49 -18.74 -4.39
CA LEU A 193 3.14 -19.07 -3.12
C LEU A 193 2.29 -18.57 -1.98
N LEU A 194 1.79 -19.49 -1.15
CA LEU A 194 1.04 -19.12 0.03
C LEU A 194 1.97 -19.15 1.23
N PRO A 195 2.16 -18.03 1.92
CA PRO A 195 3.27 -17.88 2.86
C PRO A 195 2.93 -18.35 4.27
N ASP A 196 3.99 -18.64 5.03
CA ASP A 196 3.86 -18.70 6.47
C ASP A 196 3.68 -17.29 7.02
N ASN A 197 3.23 -17.20 8.27
CA ASN A 197 3.01 -15.89 8.87
C ASN A 197 4.30 -15.09 8.89
N HIS A 198 4.21 -13.81 8.52
CA HIS A 198 5.36 -12.91 8.54
C HIS A 198 4.83 -11.49 8.51
N TYR A 199 5.73 -10.51 8.42
CA TYR A 199 5.26 -9.12 8.32
C TYR A 199 6.14 -8.33 7.36
N LEU A 200 5.59 -7.20 6.89
CA LEU A 200 6.31 -6.20 6.10
C LEU A 200 6.56 -4.98 6.99
N SER A 201 7.84 -4.62 7.15
CA SER A 201 8.24 -3.39 7.84
C SER A 201 8.24 -2.25 6.82
N THR A 202 7.42 -1.22 7.06
N THR A 202 7.44 -1.21 7.08
CA THR A 202 7.21 -0.18 6.07
CA THR A 202 7.26 -0.12 6.13
C THR A 202 7.50 1.19 6.64
C THR A 202 7.67 1.20 6.77
N GLN A 203 8.39 1.94 6.00
N GLN A 203 8.26 2.07 5.95
CA GLN A 203 8.68 3.33 6.31
CA GLN A 203 8.73 3.38 6.39
C GLN A 203 8.25 4.21 5.14
C GLN A 203 8.56 4.35 5.24
N SER A 204 7.75 5.40 5.43
CA SER A 204 7.32 6.29 4.36
C SER A 204 7.75 7.72 4.66
N VAL A 205 8.11 8.46 3.62
CA VAL A 205 8.46 9.88 3.73
C VAL A 205 7.59 10.64 2.76
N LEU A 206 6.82 11.61 3.28
CA LEU A 206 5.96 12.45 2.46
C LEU A 206 6.60 13.82 2.27
N SER A 207 6.49 14.38 1.07
CA SER A 207 7.06 15.70 0.81
C SER A 207 6.25 16.39 -0.28
N LYS A 208 6.70 17.58 -0.64
CA LYS A 208 6.04 18.37 -1.68
C LYS A 208 7.04 18.74 -2.76
N ASP A 209 6.54 18.84 -3.98
CA ASP A 209 7.30 19.37 -5.11
C ASP A 209 7.13 20.87 -5.10
N PRO A 210 8.19 21.66 -4.88
CA PRO A 210 8.00 23.11 -4.72
C PRO A 210 7.51 23.79 -6.00
N ASN A 211 7.70 23.18 -7.16
CA ASN A 211 7.25 23.76 -8.42
C ASN A 211 5.94 23.16 -8.89
N GLU A 212 5.21 22.46 -8.03
CA GLU A 212 3.95 21.85 -8.38
C GLU A 212 2.83 22.67 -7.75
N LYS A 213 1.94 23.20 -8.58
CA LYS A 213 0.82 23.99 -8.09
C LYS A 213 -0.43 23.17 -7.84
N ARG A 214 -0.54 21.98 -8.42
CA ARG A 214 -1.70 21.15 -8.16
C ARG A 214 -1.59 20.50 -6.78
N ASP A 215 -2.73 20.08 -6.25
CA ASP A 215 -2.76 19.35 -4.99
C ASP A 215 -2.09 18.00 -5.22
N HIS A 216 -1.06 17.67 -4.44
CA HIS A 216 -0.19 16.55 -4.79
C HIS A 216 0.53 16.02 -3.55
N MET A 217 1.22 14.90 -3.73
CA MET A 217 2.01 14.28 -2.67
C MET A 217 3.20 13.55 -3.32
N VAL A 218 4.40 13.88 -2.88
CA VAL A 218 5.60 13.12 -3.25
C VAL A 218 5.86 12.10 -2.15
N LEU A 219 6.17 10.87 -2.54
N LEU A 219 6.15 10.86 -2.54
CA LEU A 219 6.26 9.78 -1.59
CA LEU A 219 6.26 9.77 -1.59
C LEU A 219 7.51 8.95 -1.86
C LEU A 219 7.52 8.97 -1.87
N LEU A 220 8.29 8.71 -0.80
CA LEU A 220 9.38 7.74 -0.82
C LEU A 220 9.04 6.68 0.23
N GLU A 221 9.12 5.41 -0.15
CA GLU A 221 8.73 4.33 0.76
C GLU A 221 9.77 3.22 0.72
N PHE A 222 10.11 2.70 1.90
CA PHE A 222 10.96 1.51 2.03
C PHE A 222 10.16 0.40 2.69
N VAL A 223 10.24 -0.81 2.13
N VAL A 223 10.25 -0.80 2.14
CA VAL A 223 9.45 -1.92 2.63
CA VAL A 223 9.46 -1.93 2.62
C VAL A 223 10.30 -3.19 2.59
C VAL A 223 10.33 -3.18 2.59
N THR A 224 10.47 -3.83 3.74
N THR A 224 10.35 -3.92 3.70
CA THR A 224 11.15 -5.12 3.80
CA THR A 224 11.20 -5.10 3.85
C THR A 224 10.28 -6.14 4.50
C THR A 224 10.48 -6.16 4.66
N ALA A 225 10.48 -7.40 4.17
CA ALA A 225 9.80 -8.48 4.86
C ALA A 225 10.68 -9.04 5.97
N ALA A 226 10.03 -9.51 7.04
CA ALA A 226 10.74 -10.04 8.21
C ALA A 226 9.79 -10.98 8.96
N GLY A 227 10.30 -11.55 10.05
CA GLY A 227 9.47 -12.36 10.92
C GLY A 227 9.61 -13.86 10.76
N ILE A 228 10.47 -14.29 9.85
CA ILE A 228 10.84 -15.70 9.69
C ILE A 228 12.35 -15.78 9.83
N THR A 229 12.83 -16.74 10.63
CA THR A 229 14.26 -16.86 10.88
C THR A 229 14.91 -18.09 10.24
N HIS A 230 14.14 -19.14 10.01
CA HIS A 230 14.71 -20.36 9.50
C HIS A 230 15.39 -20.13 8.17
N GLY A 231 16.61 -20.68 8.02
CA GLY A 231 17.39 -20.55 6.81
C GLY A 231 18.28 -19.34 6.72
N MET A 232 18.20 -18.41 7.68
CA MET A 232 19.09 -17.25 7.67
C MET A 232 20.34 -17.64 8.45
N ASP A 233 21.35 -18.14 7.73
CA ASP A 233 22.54 -18.66 8.40
C ASP A 233 23.38 -17.57 9.04
N GLU A 234 23.23 -16.32 8.59
CA GLU A 234 24.00 -15.25 9.20
C GLU A 234 23.62 -15.06 10.68
N LEU A 235 22.47 -15.59 11.09
CA LEU A 235 21.97 -15.52 12.46
C LEU A 235 22.52 -16.61 13.37
N TYR A 236 23.27 -17.59 12.84
CA TYR A 236 23.74 -18.71 13.65
C TYR A 236 24.73 -18.25 14.71
N LYS A 237 25.69 -17.43 14.31
CA LYS A 237 26.77 -17.02 15.19
C LYS A 237 27.37 -15.72 14.67
C CO2 B . -19.70 15.82 4.24
O1 CO2 B . -20.36 14.81 4.48
O2 CO2 B . -19.05 16.82 3.99
#